data_5KO3
#
_entry.id   5KO3
#
_cell.length_a   83.705
_cell.length_b   30.549
_cell.length_c   86.717
_cell.angle_alpha   90.00
_cell.angle_beta   116.25
_cell.angle_gamma   90.00
#
_symmetry.space_group_name_H-M   'P 1 2 1'
#
loop_
_entity.id
_entity.type
_entity.pdbx_description
1 polymer ORF1a
2 non-polymer 'ZINC ION'
3 non-polymer 'ACETATE ION'
4 water water
#
_entity_poly.entity_id   1
_entity_poly.type   'polypeptide(L)'
_entity_poly.pdbx_seq_one_letter_code
;DETKALKELYGPVDPTFLHRFYSLKAAVHGWKMVVCDKVRSLKLSDNN(CME)YLNAVIMTLDLLKDIKFVIPALQHAFM
KHKGGDSTDFIALIMAYGNCTFGAPDDASRLLHTVLAKAELCCSARMVWREWCNVCGIKDVVLQGLKACCYVGVQTVEDL
RARMTYVCQCGGERHRQLVEHTTPWLLLSGTPNEKLVTTSTAPDFVAFNVFQGIETAVGHYVHARLKGGLILKFDSGTVS
KTSDWKCKVTDVLFPGQKYSS
;
_entity_poly.pdbx_strand_id   A
#
# COMPACT_ATOMS: atom_id res chain seq x y z
N ASP A 1 12.18 5.94 32.85
CA ASP A 1 12.70 4.70 32.27
C ASP A 1 12.97 4.85 30.78
N GLU A 2 14.08 4.28 30.32
CA GLU A 2 14.46 4.36 28.91
C GLU A 2 13.52 3.55 28.02
N THR A 3 13.21 2.34 28.45
CA THR A 3 12.30 1.48 27.71
C THR A 3 10.96 2.14 27.46
N LYS A 4 10.42 2.77 28.50
CA LYS A 4 9.09 3.37 28.41
C LYS A 4 9.06 4.55 27.45
N ALA A 5 10.05 5.43 27.52
CA ALA A 5 10.04 6.60 26.65
C ALA A 5 10.25 6.16 25.20
N LEU A 6 10.96 5.05 25.00
CA LEU A 6 11.19 4.52 23.67
C LEU A 6 9.92 3.96 23.08
N LYS A 7 9.21 3.18 23.89
CA LYS A 7 7.95 2.58 23.43
C LYS A 7 6.95 3.67 23.11
N GLU A 8 7.01 4.78 23.85
CA GLU A 8 6.12 5.90 23.62
C GLU A 8 6.36 6.54 22.26
N LEU A 9 7.63 6.61 21.87
CA LEU A 9 8.00 7.30 20.64
C LEU A 9 7.94 6.37 19.42
N TYR A 10 8.31 5.10 19.60
CA TYR A 10 8.48 4.16 18.49
C TYR A 10 7.49 3.02 18.51
N GLY A 11 6.70 2.94 19.58
CA GLY A 11 5.83 1.80 19.76
C GLY A 11 6.58 0.62 20.35
N PRO A 12 5.90 -0.50 20.54
CA PRO A 12 6.48 -1.69 21.17
C PRO A 12 7.50 -2.39 20.29
N VAL A 13 8.70 -1.82 20.14
CA VAL A 13 9.65 -2.39 19.21
C VAL A 13 10.61 -3.33 19.92
N ASP A 14 11.24 -4.22 19.16
CA ASP A 14 12.19 -5.18 19.74
C ASP A 14 13.49 -4.50 20.16
N PRO A 15 14.34 -5.21 20.91
CA PRO A 15 15.59 -4.62 21.43
C PRO A 15 16.55 -4.16 20.32
N THR A 16 16.54 -4.81 19.16
CA THR A 16 17.48 -4.45 18.10
C THR A 16 17.01 -3.22 17.30
N PHE A 17 15.80 -2.74 17.56
CA PHE A 17 15.17 -1.76 16.67
C PHE A 17 15.96 -0.48 16.53
N LEU A 18 16.36 0.12 17.66
CA LEU A 18 16.99 1.41 17.58
C LEU A 18 18.31 1.35 16.81
N HIS A 19 19.08 0.29 17.04
N HIS A 19 19.09 0.28 17.03
CA HIS A 19 20.33 0.08 16.30
CA HIS A 19 20.30 0.11 16.24
C HIS A 19 20.05 -0.10 14.79
C HIS A 19 20.00 -0.01 14.76
N ARG A 20 18.99 -0.81 14.44
CA ARG A 20 18.68 -1.05 13.02
C ARG A 20 18.24 0.25 12.35
N PHE A 21 17.36 1.00 13.01
CA PHE A 21 16.90 2.29 12.48
C PHE A 21 18.06 3.25 12.26
N TYR A 22 18.82 3.52 13.32
N TYR A 22 19.00 3.34 13.20
CA TYR A 22 19.88 4.52 13.25
CA TYR A 22 20.17 4.19 12.98
C TYR A 22 20.88 4.20 12.16
C TYR A 22 21.19 3.67 11.96
N SER A 23 21.22 2.91 12.07
N SER A 23 21.43 2.37 11.91
CA SER A 23 22.17 2.41 11.07
CA SER A 23 22.35 1.89 10.88
C SER A 23 21.63 2.58 9.64
C SER A 23 21.74 2.12 9.49
N LEU A 24 20.41 2.13 9.41
CA LEU A 24 19.73 2.38 8.13
C LEU A 24 19.77 3.87 7.76
N LYS A 25 19.50 4.72 8.75
CA LYS A 25 19.52 6.16 8.53
C LYS A 25 20.90 6.59 8.01
N ALA A 26 21.94 5.98 8.55
CA ALA A 26 23.28 6.30 8.08
C ALA A 26 23.47 5.78 6.67
N ALA A 27 23.02 4.56 6.43
CA ALA A 27 23.17 3.92 5.12
C ALA A 27 22.40 4.62 4.02
N VAL A 28 21.20 5.11 4.32
CA VAL A 28 20.41 5.67 3.23
C VAL A 28 20.64 7.17 3.11
N HIS A 29 21.56 7.71 3.90
CA HIS A 29 21.83 9.14 3.84
C HIS A 29 22.24 9.64 2.45
N GLY A 30 22.89 8.79 1.66
CA GLY A 30 23.24 9.14 0.30
C GLY A 30 22.08 9.10 -0.70
N TRP A 31 21.04 8.32 -0.41
CA TRP A 31 19.89 8.22 -1.35
C TRP A 31 19.23 9.58 -1.54
N LYS A 32 18.57 9.78 -2.67
CA LYS A 32 17.87 11.04 -2.86
C LYS A 32 16.51 10.85 -3.54
N MET A 33 15.54 11.63 -3.06
CA MET A 33 14.25 11.84 -3.72
C MET A 33 14.46 12.89 -4.80
N VAL A 34 14.04 12.59 -6.02
CA VAL A 34 14.24 13.52 -7.12
C VAL A 34 12.89 13.91 -7.70
N VAL A 35 12.83 15.08 -8.32
CA VAL A 35 11.57 15.58 -8.85
C VAL A 35 11.39 15.09 -10.29
N CYS A 36 10.28 14.39 -10.51
CA CYS A 36 9.97 13.75 -11.79
C CYS A 36 8.56 14.16 -12.15
N ASP A 37 8.40 14.90 -13.23
CA ASP A 37 7.06 15.35 -13.61
C ASP A 37 6.37 16.03 -12.42
N LYS A 38 7.15 16.84 -11.69
CA LYS A 38 6.62 17.65 -10.58
C LYS A 38 6.29 16.85 -9.33
N VAL A 39 6.58 15.55 -9.32
CA VAL A 39 6.39 14.78 -8.07
C VAL A 39 7.70 14.14 -7.66
N ARG A 40 7.77 13.67 -6.41
CA ARG A 40 9.01 13.12 -5.90
C ARG A 40 9.05 11.61 -6.04
N SER A 41 10.17 11.11 -6.56
CA SER A 41 10.42 9.67 -6.74
C SER A 41 11.78 9.36 -6.11
N LEU A 42 11.95 8.14 -5.59
CA LEU A 42 13.20 7.74 -4.93
C LEU A 42 14.17 7.24 -6.00
N LYS A 43 15.31 7.92 -6.11
CA LYS A 43 16.27 7.55 -7.17
C LYS A 43 16.84 6.15 -6.91
N LEU A 44 16.97 5.35 -7.95
CA LEU A 44 17.41 3.96 -7.81
C LEU A 44 18.79 3.81 -7.14
N SER A 45 18.87 2.95 -6.14
CA SER A 45 20.15 2.66 -5.50
C SER A 45 19.99 1.49 -4.55
N ASP A 46 20.97 0.58 -4.57
CA ASP A 46 21.02 -0.50 -3.58
C ASP A 46 19.72 -1.32 -3.54
N ASN A 47 19.18 -1.65 -4.72
CA ASN A 47 17.93 -2.42 -4.80
C ASN A 47 16.75 -1.78 -4.07
N ASN A 48 16.67 -0.45 -4.05
CA ASN A 48 15.61 0.20 -3.26
C ASN A 48 14.34 0.47 -4.04
N TYR A 50 11.66 -1.07 -4.49
CA TYR A 50 10.44 -1.40 -3.76
C TYR A 50 10.00 -0.21 -2.86
N LEU A 51 10.98 0.53 -2.34
CA LEU A 51 10.71 1.70 -1.52
C LEU A 51 10.13 2.86 -2.32
N ASN A 52 10.61 3.04 -3.55
CA ASN A 52 9.96 4.00 -4.43
C ASN A 52 8.49 3.68 -4.62
N ALA A 53 8.19 2.44 -4.93
CA ALA A 53 6.79 2.05 -5.07
C ALA A 53 6.01 2.29 -3.77
N VAL A 54 6.60 1.90 -2.64
CA VAL A 54 5.86 2.06 -1.37
C VAL A 54 5.59 3.53 -1.11
N ILE A 55 6.62 4.36 -1.23
CA ILE A 55 6.51 5.75 -0.81
C ILE A 55 5.65 6.56 -1.79
N MET A 56 5.82 6.33 -3.09
CA MET A 56 4.93 7.04 -4.04
C MET A 56 3.47 6.61 -3.89
N THR A 57 3.22 5.38 -3.50
CA THR A 57 1.84 4.96 -3.28
C THR A 57 1.26 5.62 -2.03
N LEU A 58 2.02 5.59 -0.94
CA LEU A 58 1.61 6.29 0.28
C LEU A 58 1.30 7.76 0.02
N ASP A 59 2.06 8.39 -0.88
CA ASP A 59 1.87 9.81 -1.15
C ASP A 59 0.53 10.11 -1.86
N LEU A 60 -0.17 9.06 -2.29
CA LEU A 60 -1.46 9.25 -2.96
C LEU A 60 -2.65 9.05 -2.04
N LEU A 61 -2.39 8.82 -0.76
CA LEU A 61 -3.46 8.38 0.16
C LEU A 61 -3.78 9.53 1.10
N LYS A 62 -4.82 10.29 0.82
CA LYS A 62 -5.17 11.37 1.75
C LYS A 62 -5.70 10.82 3.07
N ASP A 63 -5.60 11.65 4.11
CA ASP A 63 -6.22 11.40 5.41
C ASP A 63 -5.60 10.30 6.23
N ILE A 64 -4.39 9.87 5.91
CA ILE A 64 -3.75 8.89 6.76
C ILE A 64 -2.85 9.63 7.75
N LYS A 65 -2.76 9.06 8.93
CA LYS A 65 -1.91 9.55 10.00
C LYS A 65 -1.32 8.34 10.69
N PHE A 66 -0.07 8.42 11.08
CA PHE A 66 0.54 7.27 11.76
C PHE A 66 0.32 7.42 13.24
N VAL A 67 0.02 6.29 13.91
CA VAL A 67 -0.32 6.31 15.32
C VAL A 67 0.94 6.24 16.18
N ILE A 68 2.06 5.92 15.57
CA ILE A 68 3.38 5.96 16.21
C ILE A 68 3.97 7.34 16.02
N PRO A 69 4.30 8.03 17.12
CA PRO A 69 4.75 9.41 16.98
C PRO A 69 5.99 9.59 16.13
N ALA A 70 7.00 8.74 16.27
CA ALA A 70 8.22 8.94 15.47
C ALA A 70 7.91 8.77 13.97
N LEU A 71 7.03 7.84 13.68
CA LEU A 71 6.69 7.57 12.30
C LEU A 71 5.87 8.75 11.74
N GLN A 72 4.92 9.28 12.51
CA GLN A 72 4.16 10.44 12.03
C GLN A 72 5.06 11.65 11.80
N HIS A 73 5.99 11.88 12.73
CA HIS A 73 6.91 12.99 12.58
C HIS A 73 7.77 12.82 11.35
N ALA A 74 8.35 11.65 11.16
CA ALA A 74 9.12 11.41 9.92
C ALA A 74 8.25 11.56 8.67
N PHE A 75 7.00 11.09 8.77
CA PHE A 75 6.09 11.21 7.61
C PHE A 75 5.87 12.67 7.23
N MET A 76 5.69 13.53 8.23
CA MET A 76 5.47 14.96 7.96
C MET A 76 6.74 15.62 7.43
N LYS A 77 7.89 15.24 7.99
CA LYS A 77 9.16 15.69 7.40
C LYS A 77 9.29 15.30 5.94
N HIS A 78 8.93 14.06 5.65
CA HIS A 78 8.91 13.60 4.26
C HIS A 78 7.97 14.47 3.39
N LYS A 79 6.76 14.71 3.88
CA LYS A 79 5.81 15.51 3.09
C LYS A 79 6.38 16.91 2.84
N GLY A 80 7.17 17.40 3.78
CA GLY A 80 7.79 18.71 3.67
C GLY A 80 9.08 18.72 2.89
N GLY A 81 9.51 17.56 2.40
CA GLY A 81 10.67 17.51 1.52
C GLY A 81 11.95 16.85 2.07
N ASP A 82 11.86 16.24 3.26
CA ASP A 82 13.03 15.59 3.85
C ASP A 82 12.74 14.16 4.28
N SER A 83 13.03 13.20 3.39
CA SER A 83 12.45 11.87 3.46
C SER A 83 13.37 10.82 4.13
N THR A 84 14.57 11.21 4.51
CA THR A 84 15.54 10.24 5.04
C THR A 84 15.02 9.46 6.24
N ASP A 85 14.49 10.16 7.26
CA ASP A 85 13.99 9.46 8.42
C ASP A 85 12.84 8.52 8.08
N PHE A 86 11.91 8.96 7.24
CA PHE A 86 10.78 8.11 6.92
C PHE A 86 11.26 6.85 6.20
N ILE A 87 12.16 7.00 5.24
CA ILE A 87 12.67 5.84 4.52
C ILE A 87 13.31 4.84 5.50
N ALA A 88 14.15 5.36 6.39
CA ALA A 88 14.91 4.48 7.28
C ALA A 88 13.99 3.81 8.29
N LEU A 89 12.98 4.56 8.76
CA LEU A 89 12.02 4.03 9.69
C LEU A 89 11.14 2.97 9.07
N ILE A 90 10.70 3.16 7.83
CA ILE A 90 9.86 2.11 7.32
C ILE A 90 10.71 0.89 7.04
N MET A 91 11.96 1.08 6.64
CA MET A 91 12.85 -0.09 6.47
C MET A 91 13.06 -0.81 7.80
N ALA A 92 13.13 -0.04 8.88
CA ALA A 92 13.31 -0.65 10.21
C ALA A 92 12.10 -1.45 10.65
N TYR A 93 10.93 -0.81 10.59
CA TYR A 93 9.69 -1.54 10.90
C TYR A 93 9.44 -2.73 9.99
N GLY A 94 9.93 -2.66 8.77
CA GLY A 94 9.70 -3.73 7.83
C GLY A 94 10.77 -4.79 7.96
N ASN A 95 11.73 -4.60 8.86
CA ASN A 95 12.86 -5.52 8.97
C ASN A 95 13.58 -5.69 7.64
N CYS A 96 13.70 -4.62 6.88
CA CYS A 96 14.42 -4.66 5.62
C CYS A 96 15.91 -4.65 5.83
N THR A 97 16.61 -5.28 4.91
CA THR A 97 18.05 -5.32 4.91
C THR A 97 18.56 -4.37 3.87
N PHE A 98 19.47 -3.49 4.25
CA PHE A 98 20.01 -2.56 3.25
C PHE A 98 20.72 -3.29 2.12
N GLY A 99 20.51 -2.83 0.90
CA GLY A 99 21.03 -3.51 -0.28
C GLY A 99 20.24 -4.72 -0.80
N ALA A 100 19.27 -5.21 -0.04
CA ALA A 100 18.50 -6.36 -0.53
C ALA A 100 17.16 -5.93 -1.18
N PRO A 101 16.74 -6.63 -2.24
CA PRO A 101 15.41 -6.35 -2.77
C PRO A 101 14.34 -6.81 -1.77
N ASP A 102 13.16 -6.24 -1.88
CA ASP A 102 12.11 -6.62 -0.96
C ASP A 102 10.74 -6.47 -1.62
N ASP A 103 9.70 -6.84 -0.89
CA ASP A 103 8.37 -7.00 -1.46
C ASP A 103 7.59 -5.71 -1.17
N ALA A 104 7.33 -4.90 -2.19
CA ALA A 104 6.66 -3.61 -1.99
C ALA A 104 5.26 -3.75 -1.38
N SER A 105 4.46 -4.72 -1.84
CA SER A 105 3.10 -4.87 -1.30
C SER A 105 3.11 -5.21 0.16
N ARG A 106 4.00 -6.12 0.50
CA ARG A 106 4.15 -6.54 1.88
C ARG A 106 4.52 -5.36 2.76
N LEU A 107 5.50 -4.58 2.32
CA LEU A 107 5.92 -3.44 3.12
C LEU A 107 4.84 -2.36 3.18
N LEU A 108 4.16 -2.12 2.07
CA LEU A 108 3.09 -1.16 2.06
C LEU A 108 2.03 -1.51 3.11
N HIS A 109 1.67 -2.79 3.21
CA HIS A 109 0.62 -3.12 4.15
C HIS A 109 1.16 -3.13 5.58
N THR A 110 2.44 -3.42 5.76
CA THR A 110 3.04 -3.31 7.07
C THR A 110 3.07 -1.89 7.60
N VAL A 111 3.35 -0.95 6.70
CA VAL A 111 3.30 0.47 7.04
C VAL A 111 1.90 0.95 7.33
N LEU A 112 0.95 0.57 6.47
CA LEU A 112 -0.42 1.04 6.64
C LEU A 112 -1.03 0.44 7.92
N ALA A 113 -0.55 -0.72 8.32
CA ALA A 113 -1.00 -1.32 9.58
C ALA A 113 -0.68 -0.42 10.78
N LYS A 114 0.26 0.51 10.61
CA LYS A 114 0.59 1.47 11.68
C LYS A 114 -0.11 2.80 11.55
N ALA A 115 -1.09 2.85 10.67
CA ALA A 115 -1.73 4.11 10.38
C ALA A 115 -3.20 4.05 10.74
N GLU A 116 -3.80 5.21 10.84
CA GLU A 116 -5.23 5.32 11.00
C GLU A 116 -5.72 6.37 10.04
N LEU A 117 -7.03 6.40 9.84
CA LEU A 117 -7.62 7.32 8.89
C LEU A 117 -8.29 8.49 9.60
N CYS A 118 -8.11 9.69 9.08
CA CYS A 118 -8.62 10.94 9.66
C CYS A 118 -9.97 11.30 9.09
N CYS A 119 -10.86 10.32 9.07
CA CYS A 119 -12.22 10.52 8.57
C CYS A 119 -12.86 9.14 8.62
N SER A 120 -14.17 9.08 8.43
CA SER A 120 -14.85 7.82 8.55
C SER A 120 -14.76 7.00 7.27
N ALA A 121 -14.63 5.69 7.43
CA ALA A 121 -14.66 4.78 6.32
C ALA A 121 -15.31 3.53 6.86
N ARG A 122 -16.10 2.85 6.04
CA ARG A 122 -16.76 1.64 6.49
C ARG A 122 -16.88 0.67 5.36
N MET A 123 -16.70 -0.60 5.69
CA MET A 123 -16.89 -1.72 4.77
C MET A 123 -17.75 -2.77 5.52
N VAL A 124 -18.90 -3.13 4.94
N VAL A 124 -18.89 -3.13 4.95
CA VAL A 124 -19.79 -4.11 5.57
CA VAL A 124 -19.73 -4.14 5.59
C VAL A 124 -19.98 -5.35 4.69
C VAL A 124 -19.94 -5.34 4.69
N TRP A 125 -19.57 -6.51 5.20
CA TRP A 125 -19.74 -7.75 4.47
C TRP A 125 -20.94 -8.49 5.05
N ARG A 126 -21.75 -9.05 4.18
CA ARG A 126 -22.88 -9.87 4.62
C ARG A 126 -22.56 -11.33 4.35
N GLU A 127 -22.63 -12.15 5.38
CA GLU A 127 -22.61 -13.60 5.19
C GLU A 127 -24.01 -14.13 5.50
N TRP A 128 -24.46 -15.10 4.71
CA TRP A 128 -25.78 -15.66 4.94
C TRP A 128 -25.89 -17.05 4.32
N CYS A 129 -26.41 -17.97 5.13
CA CYS A 129 -26.69 -19.34 4.72
C CYS A 129 -28.20 -19.56 4.78
N ASN A 130 -28.69 -20.53 4.03
CA ASN A 130 -30.12 -20.83 4.07
C ASN A 130 -30.47 -21.52 5.38
N VAL A 131 -29.44 -22.09 6.02
CA VAL A 131 -29.59 -22.65 7.36
C VAL A 131 -29.30 -21.59 8.43
N CYS A 132 -28.04 -21.19 8.50
CA CYS A 132 -27.51 -20.38 9.60
C CYS A 132 -28.13 -18.99 9.75
N GLY A 133 -28.69 -18.44 8.68
CA GLY A 133 -29.22 -17.09 8.72
C GLY A 133 -28.21 -16.06 8.24
N ILE A 134 -28.23 -14.87 8.85
CA ILE A 134 -27.38 -13.78 8.40
C ILE A 134 -26.44 -13.29 9.48
N LYS A 135 -25.25 -12.83 9.08
CA LYS A 135 -24.43 -12.01 9.98
C LYS A 135 -23.66 -10.98 9.16
N ASP A 136 -23.42 -9.82 9.76
CA ASP A 136 -22.70 -8.73 9.10
C ASP A 136 -21.33 -8.58 9.73
N VAL A 137 -20.31 -8.40 8.90
CA VAL A 137 -18.95 -8.20 9.41
C VAL A 137 -18.57 -6.78 8.98
N VAL A 138 -18.25 -5.93 9.97
CA VAL A 138 -18.06 -4.51 9.77
C VAL A 138 -16.59 -4.16 9.98
N LEU A 139 -15.97 -3.55 8.97
CA LEU A 139 -14.62 -3.01 9.10
C LEU A 139 -14.70 -1.50 9.02
N GLN A 140 -13.95 -0.81 9.86
CA GLN A 140 -13.99 0.62 9.82
C GLN A 140 -12.60 1.19 9.62
N GLY A 141 -12.56 2.46 9.28
CA GLY A 141 -11.29 3.17 9.19
C GLY A 141 -10.38 2.65 8.08
N LEU A 142 -9.09 2.69 8.35
CA LEU A 142 -8.10 2.34 7.34
C LEU A 142 -8.35 0.92 6.86
N LYS A 143 -8.79 0.06 7.77
CA LYS A 143 -9.06 -1.32 7.38
C LYS A 143 -10.18 -1.48 6.34
N ALA A 144 -11.06 -0.48 6.25
CA ALA A 144 -12.13 -0.52 5.26
C ALA A 144 -11.61 -0.12 3.86
N CYS A 145 -10.41 0.44 3.83
CA CYS A 145 -9.84 1.05 2.60
C CYS A 145 -8.86 0.20 1.84
N CYS A 146 -8.55 -0.97 2.40
CA CYS A 146 -7.50 -1.80 1.85
C CYS A 146 -7.96 -3.22 1.79
N TYR A 147 -7.63 -3.94 0.74
CA TYR A 147 -8.06 -5.33 0.67
C TYR A 147 -7.08 -6.14 -0.14
N VAL A 148 -6.70 -7.28 0.38
CA VAL A 148 -5.72 -8.09 -0.30
C VAL A 148 -6.41 -9.31 -0.88
N GLY A 149 -6.10 -9.61 -2.13
CA GLY A 149 -6.64 -10.82 -2.74
C GLY A 149 -7.45 -10.64 -3.99
N VAL A 150 -7.90 -9.41 -4.24
CA VAL A 150 -8.47 -9.05 -5.54
C VAL A 150 -7.85 -7.73 -6.04
N GLN A 151 -8.02 -7.44 -7.33
CA GLN A 151 -7.42 -6.23 -7.92
C GLN A 151 -8.43 -5.42 -8.71
N THR A 152 -9.69 -5.83 -8.66
CA THR A 152 -10.71 -5.00 -9.27
C THR A 152 -11.90 -4.85 -8.32
N VAL A 153 -12.65 -3.78 -8.50
CA VAL A 153 -13.76 -3.49 -7.64
C VAL A 153 -14.91 -4.47 -7.96
N GLU A 154 -15.06 -4.81 -9.25
CA GLU A 154 -16.04 -5.85 -9.64
C GLU A 154 -15.79 -7.14 -8.88
N ASP A 155 -14.55 -7.62 -8.90
CA ASP A 155 -14.19 -8.80 -8.11
C ASP A 155 -14.49 -8.59 -6.64
N LEU A 156 -14.09 -7.45 -6.08
CA LEU A 156 -14.35 -7.18 -4.67
C LEU A 156 -15.84 -7.32 -4.30
N ARG A 157 -16.69 -6.82 -5.18
CA ARG A 157 -18.13 -6.72 -4.90
C ARG A 157 -18.89 -7.98 -5.32
N ALA A 158 -18.17 -8.95 -5.88
CA ALA A 158 -18.79 -10.14 -6.42
C ALA A 158 -19.29 -11.04 -5.31
N ARG A 159 -20.52 -11.52 -5.43
CA ARG A 159 -21.05 -12.45 -4.43
C ARG A 159 -20.26 -13.75 -4.48
N MET A 160 -19.80 -14.19 -3.31
CA MET A 160 -19.12 -15.46 -3.19
C MET A 160 -20.08 -16.53 -2.68
N THR A 161 -19.95 -17.75 -3.20
CA THR A 161 -20.85 -18.84 -2.86
C THR A 161 -20.02 -20.07 -2.51
N TYR A 162 -19.97 -20.41 -1.22
CA TYR A 162 -19.06 -21.45 -0.75
C TYR A 162 -19.76 -22.55 0.05
N VAL A 163 -18.93 -23.42 0.63
CA VAL A 163 -19.41 -24.50 1.50
C VAL A 163 -19.38 -24.02 2.94
N CYS A 164 -20.53 -24.13 3.62
CA CYS A 164 -20.68 -23.57 4.95
C CYS A 164 -19.98 -24.40 6.02
N GLN A 165 -20.77 -24.94 6.94
CA GLN A 165 -20.26 -25.76 8.04
C GLN A 165 -21.23 -26.90 8.31
N CYS A 166 -22.51 -26.56 8.26
CA CYS A 166 -23.60 -27.51 8.48
C CYS A 166 -23.81 -28.44 7.29
N GLY A 167 -23.66 -27.89 6.09
CA GLY A 167 -23.88 -28.64 4.86
C GLY A 167 -24.66 -27.84 3.84
N GLY A 168 -25.14 -26.68 4.27
CA GLY A 168 -25.86 -25.78 3.37
C GLY A 168 -24.91 -24.82 2.69
N GLU A 169 -25.34 -24.27 1.56
CA GLU A 169 -24.51 -23.34 0.81
C GLU A 169 -24.51 -21.96 1.44
N ARG A 170 -23.32 -21.44 1.72
CA ARG A 170 -23.18 -20.14 2.36
C ARG A 170 -22.78 -19.06 1.36
N HIS A 171 -23.28 -17.84 1.57
CA HIS A 171 -22.99 -16.72 0.68
C HIS A 171 -22.31 -15.57 1.41
N ARG A 172 -21.43 -14.87 0.69
CA ARG A 172 -20.72 -13.74 1.24
C ARG A 172 -20.66 -12.65 0.18
N GLN A 173 -20.98 -11.43 0.58
CA GLN A 173 -21.00 -10.32 -0.37
C GLN A 173 -20.84 -8.98 0.33
N LEU A 174 -20.18 -8.04 -0.35
CA LEU A 174 -19.98 -6.70 0.18
C LEU A 174 -21.29 -5.94 0.01
N VAL A 175 -21.81 -5.35 1.09
CA VAL A 175 -23.13 -4.74 0.98
C VAL A 175 -23.14 -3.23 1.23
N GLU A 176 -22.08 -2.72 1.85
CA GLU A 176 -21.90 -1.27 1.99
C GLU A 176 -20.42 -0.88 1.99
N HIS A 177 -20.07 0.20 1.30
CA HIS A 177 -18.64 0.61 1.18
C HIS A 177 -18.51 2.10 0.92
N THR A 178 -18.00 2.80 1.93
CA THR A 178 -17.76 4.25 1.88
C THR A 178 -16.33 4.52 2.33
N THR A 179 -15.50 5.04 1.42
CA THR A 179 -14.07 5.29 1.69
C THR A 179 -13.59 6.51 0.93
N PRO A 180 -12.45 7.10 1.36
CA PRO A 180 -11.81 8.18 0.60
C PRO A 180 -10.93 7.67 -0.54
N TRP A 181 -10.59 6.38 -0.50
CA TRP A 181 -9.84 5.75 -1.59
C TRP A 181 -9.90 4.27 -1.31
N LEU A 182 -9.38 3.46 -2.21
CA LEU A 182 -9.42 2.03 -2.04
C LEU A 182 -8.19 1.38 -2.63
N LEU A 183 -7.42 0.69 -1.79
CA LEU A 183 -6.22 0.01 -2.26
C LEU A 183 -6.45 -1.51 -2.35
N LEU A 184 -6.34 -2.08 -3.55
CA LEU A 184 -6.52 -3.51 -3.73
C LEU A 184 -5.18 -4.11 -4.12
N SER A 185 -4.76 -5.20 -3.47
CA SER A 185 -3.47 -5.82 -3.81
C SER A 185 -3.64 -7.30 -4.11
N GLY A 186 -2.93 -7.78 -5.12
CA GLY A 186 -2.91 -9.21 -5.41
C GLY A 186 -1.54 -9.61 -5.90
N THR A 187 -1.37 -10.89 -6.19
CA THR A 187 -0.13 -11.38 -6.77
C THR A 187 0.05 -10.81 -8.15
N PRO A 188 1.29 -10.78 -8.64
CA PRO A 188 1.61 -10.17 -9.94
C PRO A 188 0.71 -10.75 -11.01
N ASN A 189 0.07 -9.86 -11.75
CA ASN A 189 -0.99 -10.29 -12.64
C ASN A 189 -0.81 -9.59 -13.99
N GLU A 190 -0.49 -10.36 -15.04
CA GLU A 190 -0.24 -9.75 -16.33
C GLU A 190 -1.53 -9.18 -16.92
N LYS A 191 -1.50 -7.87 -17.22
CA LYS A 191 -2.66 -7.13 -17.74
C LYS A 191 -2.16 -6.23 -18.87
N LEU A 192 -2.95 -6.01 -19.90
CA LEU A 192 -2.63 -4.92 -20.81
C LEU A 192 -3.38 -3.71 -20.26
N VAL A 193 -2.65 -2.74 -19.73
CA VAL A 193 -3.27 -1.54 -19.20
C VAL A 193 -3.30 -0.51 -20.31
N THR A 194 -4.45 0.12 -20.49
CA THR A 194 -4.58 1.03 -21.62
C THR A 194 -5.43 2.19 -21.22
N THR A 195 -5.09 3.36 -21.73
CA THR A 195 -5.84 4.55 -21.35
C THR A 195 -6.92 4.81 -22.38
N SER A 196 -7.09 3.93 -23.35
CA SER A 196 -8.20 4.11 -24.28
C SER A 196 -9.50 3.67 -23.57
N THR A 197 -9.43 2.60 -22.79
CA THR A 197 -10.59 2.20 -21.98
C THR A 197 -10.98 3.22 -20.91
N ALA A 198 -10.08 4.16 -20.60
CA ALA A 198 -10.31 5.11 -19.50
C ALA A 198 -10.56 4.36 -18.17
N PRO A 199 -9.51 3.87 -17.53
CA PRO A 199 -9.67 3.01 -16.35
C PRO A 199 -10.28 3.73 -15.15
N ASP A 200 -10.90 2.96 -14.26
CA ASP A 200 -11.39 3.48 -12.99
C ASP A 200 -10.28 3.76 -11.98
N PHE A 201 -9.23 2.95 -12.02
CA PHE A 201 -8.14 3.16 -11.06
C PHE A 201 -7.30 4.39 -11.39
N VAL A 202 -6.60 4.92 -10.39
CA VAL A 202 -5.76 6.12 -10.57
C VAL A 202 -4.27 5.85 -10.49
N ALA A 203 -3.91 4.68 -9.98
CA ALA A 203 -2.50 4.33 -9.84
C ALA A 203 -2.36 2.83 -9.63
N PHE A 204 -1.18 2.29 -9.89
CA PHE A 204 -0.96 0.88 -9.65
C PHE A 204 0.52 0.65 -9.59
N ASN A 205 0.94 -0.44 -8.93
CA ASN A 205 2.32 -0.81 -8.94
C ASN A 205 2.52 -2.03 -9.83
N VAL A 206 3.71 -2.11 -10.39
CA VAL A 206 4.06 -3.13 -11.35
C VAL A 206 5.27 -3.89 -10.83
N PHE A 207 5.17 -5.21 -10.96
CA PHE A 207 6.21 -6.16 -10.56
C PHE A 207 7.00 -6.61 -11.80
N GLN A 208 8.31 -6.58 -11.73
CA GLN A 208 9.12 -7.08 -12.81
C GLN A 208 9.95 -8.24 -12.26
N GLY A 209 9.95 -9.36 -12.96
CA GLY A 209 10.80 -10.46 -12.53
C GLY A 209 9.99 -11.73 -12.56
N ILE A 210 10.50 -12.77 -11.93
CA ILE A 210 9.78 -14.02 -11.82
C ILE A 210 8.76 -13.95 -10.67
N GLU A 211 7.51 -14.33 -10.89
CA GLU A 211 6.45 -13.95 -9.95
C GLU A 211 6.47 -14.67 -8.59
N THR A 212 7.31 -15.71 -8.42
CA THR A 212 7.46 -16.40 -7.14
C THR A 212 8.35 -15.63 -6.20
N ALA A 213 9.10 -14.68 -6.76
CA ALA A 213 10.20 -14.04 -6.06
C ALA A 213 9.85 -12.63 -5.60
N VAL A 214 10.74 -12.04 -4.82
CA VAL A 214 10.72 -10.62 -4.60
C VAL A 214 11.21 -10.02 -5.92
N GLY A 215 10.56 -8.99 -6.40
CA GLY A 215 10.94 -8.50 -7.71
C GLY A 215 11.51 -7.10 -7.69
N HIS A 216 11.42 -6.46 -8.83
N HIS A 216 11.51 -6.51 -8.90
CA HIS A 216 11.71 -5.06 -8.92
CA HIS A 216 11.70 -5.08 -9.15
C HIS A 216 10.41 -4.39 -9.34
C HIS A 216 10.30 -4.47 -9.14
N TYR A 217 10.21 -3.18 -8.88
CA TYR A 217 8.91 -2.54 -8.92
C TYR A 217 8.96 -1.22 -9.66
N VAL A 218 7.85 -0.88 -10.32
CA VAL A 218 7.66 0.42 -10.96
C VAL A 218 6.32 0.93 -10.43
N HIS A 219 6.28 2.20 -10.09
CA HIS A 219 5.04 2.85 -9.68
C HIS A 219 4.44 3.57 -10.88
N ALA A 220 3.12 3.44 -11.08
CA ALA A 220 2.46 4.07 -12.24
C ALA A 220 1.29 4.90 -11.77
N ARG A 221 1.10 6.09 -12.33
CA ARG A 221 -0.06 6.91 -12.04
C ARG A 221 -0.80 7.24 -13.35
N LEU A 222 -2.12 7.42 -13.28
N LEU A 222 -2.12 7.35 -13.28
CA LEU A 222 -2.93 7.72 -14.46
CA LEU A 222 -2.95 7.74 -14.40
C LEU A 222 -3.37 9.17 -14.46
C LEU A 222 -3.16 9.25 -14.32
N LYS A 223 -2.81 9.96 -15.38
CA LYS A 223 -3.00 11.41 -15.37
C LYS A 223 -3.01 11.94 -16.79
N GLY A 224 -4.00 12.78 -17.10
CA GLY A 224 -3.99 13.48 -18.37
C GLY A 224 -4.14 12.56 -19.55
N GLY A 225 -4.86 11.45 -19.35
CA GLY A 225 -5.05 10.47 -20.38
C GLY A 225 -3.87 9.55 -20.65
N LEU A 226 -2.88 9.55 -19.77
CA LEU A 226 -1.64 8.78 -19.91
C LEU A 226 -1.31 7.97 -18.65
N ILE A 227 -0.53 6.91 -18.84
CA ILE A 227 0.12 6.19 -17.78
C ILE A 227 1.48 6.86 -17.55
N LEU A 228 1.71 7.36 -16.35
CA LEU A 228 3.02 7.92 -16.00
C LEU A 228 3.77 6.85 -15.25
N LYS A 229 4.91 6.42 -15.76
CA LYS A 229 5.69 5.34 -15.15
C LYS A 229 6.89 5.90 -14.40
N PHE A 230 6.96 5.64 -13.10
CA PHE A 230 8.03 6.20 -12.26
C PHE A 230 8.93 5.06 -11.91
N ASP A 231 10.04 4.99 -12.60
CA ASP A 231 10.90 3.87 -12.42
C ASP A 231 12.09 4.41 -11.66
N SER A 232 11.89 4.55 -10.35
CA SER A 232 12.96 4.88 -9.41
C SER A 232 13.80 6.05 -9.88
N GLY A 233 13.17 7.21 -10.01
CA GLY A 233 13.88 8.45 -10.33
C GLY A 233 13.81 8.89 -11.79
N THR A 234 13.20 8.07 -12.64
CA THR A 234 13.00 8.42 -14.06
C THR A 234 11.51 8.29 -14.37
N VAL A 235 10.96 9.14 -15.26
CA VAL A 235 9.53 9.08 -15.57
C VAL A 235 9.39 8.95 -17.07
N SER A 236 8.44 8.16 -17.50
CA SER A 236 8.12 8.10 -18.94
C SER A 236 6.62 7.97 -19.00
N LYS A 237 6.04 8.22 -20.17
CA LYS A 237 4.59 8.28 -20.28
C LYS A 237 4.21 7.41 -21.45
N THR A 238 3.10 6.71 -21.31
CA THR A 238 2.64 5.82 -22.38
C THR A 238 1.12 5.71 -22.31
N SER A 239 0.48 5.37 -23.44
CA SER A 239 -0.95 5.12 -23.48
C SER A 239 -1.26 3.65 -23.20
N ASP A 240 -0.26 2.80 -23.27
CA ASP A 240 -0.51 1.36 -23.25
C ASP A 240 0.68 0.66 -22.62
N TRP A 241 0.42 -0.31 -21.75
CA TRP A 241 1.51 -1.03 -21.10
C TRP A 241 1.07 -2.45 -20.74
N LYS A 242 1.75 -3.44 -21.30
CA LYS A 242 1.52 -4.80 -20.83
C LYS A 242 2.49 -5.11 -19.68
N CYS A 243 1.93 -5.40 -18.52
CA CYS A 243 2.76 -5.44 -17.32
C CYS A 243 2.10 -6.29 -16.26
N LYS A 244 2.88 -6.70 -15.25
CA LYS A 244 2.32 -7.47 -14.15
C LYS A 244 1.95 -6.54 -13.02
N VAL A 245 0.65 -6.39 -12.79
CA VAL A 245 0.16 -5.46 -11.78
C VAL A 245 0.08 -6.14 -10.40
N THR A 246 0.39 -5.40 -9.36
CA THR A 246 0.21 -5.92 -8.01
C THR A 246 -0.80 -5.13 -7.24
N ASP A 247 -0.43 -3.94 -6.81
CA ASP A 247 -1.33 -3.06 -6.07
C ASP A 247 -2.08 -2.17 -7.01
N VAL A 248 -3.34 -1.92 -6.73
CA VAL A 248 -4.12 -1.04 -7.61
C VAL A 248 -4.87 -0.08 -6.75
N LEU A 249 -4.76 1.21 -7.04
CA LEU A 249 -5.43 2.22 -6.21
C LEU A 249 -6.63 2.82 -6.93
N PHE A 250 -7.78 2.81 -6.24
CA PHE A 250 -9.07 3.31 -6.78
C PHE A 250 -9.52 4.55 -6.03
N PRO A 251 -10.36 5.37 -6.66
CA PRO A 251 -10.93 6.52 -5.95
C PRO A 251 -11.87 6.08 -4.81
N GLY A 252 -12.33 7.03 -4.02
CA GLY A 252 -13.20 6.77 -2.89
C GLY A 252 -14.45 6.01 -3.32
N GLN A 253 -14.87 5.05 -2.51
CA GLN A 253 -16.08 4.28 -2.77
C GLN A 253 -17.29 4.93 -2.10
N LYS A 254 -18.45 4.84 -2.76
CA LYS A 254 -19.73 5.17 -2.12
C LYS A 254 -20.78 4.20 -2.66
N TYR A 255 -20.83 3.03 -2.05
CA TYR A 255 -21.55 1.87 -2.57
C TYR A 255 -22.52 1.26 -1.58
N SER A 256 -23.72 0.93 -2.07
CA SER A 256 -24.66 0.07 -1.36
C SER A 256 -25.19 -0.97 -2.34
N SER A 257 -25.31 -2.22 -1.89
CA SER A 257 -25.76 -3.30 -2.77
C SER A 257 -27.26 -3.19 -3.04
#